data_5G4X
#
_entry.id   5G4X
#
_cell.length_a   86.760
_cell.length_b   86.760
_cell.length_c   158.730
_cell.angle_alpha   90.00
_cell.angle_beta   90.00
_cell.angle_gamma   90.00
#
_symmetry.space_group_name_H-M   'P 41 21 2'
#
loop_
_entity.id
_entity.type
_entity.pdbx_description
1 polymer 'SH3 AND MULTIPLE ANKYRIN REPEAT DOMAINS PROTEIN 3'
2 non-polymer 1,2-ETHANEDIOL
3 water water
#
_entity_poly.entity_id   1
_entity_poly.type   'polypeptide(L)'
_entity_poly.pdbx_seq_one_letter_code
;MDGPGASAVVVRVGIPDLQQTKCLRLDPTAPVWAAKQRVLCALNHSLQDALNYGLFQPPSRGRAGKFLDEERLLQDYPPN
LDTPLPYLEFRYKRRVYAQNLIDDKQFAKLHTKANLKKFMDYVQLHSTDKVARLLDKGLDPNFHDPDSGECPLSLAAQLD
NATDLLKVLRNGGAHLDFRTRDGLTAVHCATRQRNAGALTTLLDLGASPDYKDSRGLTPLYHSALGGGDALCCELLLHDH
AQLGTTDENGWQEIHQACRFGHVQHLEHLLFYGANMGAQNASGNTALHICALYNQESCARVLLFRGANKDVRNYNSQTAF
QVAIIAGNFELAEVIKTHKDSDVVPFRE
;
_entity_poly.pdbx_strand_id   A
#
# COMPACT_ATOMS: atom_id res chain seq x y z
N ASP A 2 -19.53 -4.70 -9.09
CA ASP A 2 -19.66 -3.72 -8.03
C ASP A 2 -20.76 -4.10 -7.04
N GLY A 3 -21.55 -5.10 -7.40
CA GLY A 3 -22.52 -5.67 -6.48
C GLY A 3 -21.97 -6.94 -5.84
N PRO A 4 -22.52 -7.33 -4.68
CA PRO A 4 -21.98 -8.51 -3.99
C PRO A 4 -22.26 -9.80 -4.73
N GLY A 5 -21.37 -10.77 -4.54
CA GLY A 5 -21.51 -12.06 -5.17
C GLY A 5 -22.71 -12.83 -4.66
N ALA A 6 -22.92 -14.01 -5.25
CA ALA A 6 -24.14 -14.76 -4.95
C ALA A 6 -24.16 -15.30 -3.53
N SER A 7 -23.00 -15.55 -2.93
CA SER A 7 -22.93 -16.10 -1.59
C SER A 7 -22.89 -15.03 -0.49
N ALA A 8 -23.12 -13.76 -0.83
CA ALA A 8 -23.06 -12.69 0.17
C ALA A 8 -24.19 -12.82 1.20
N VAL A 9 -23.88 -12.44 2.44
CA VAL A 9 -24.80 -12.57 3.57
C VAL A 9 -24.94 -11.20 4.23
N VAL A 10 -26.11 -10.96 4.82
CA VAL A 10 -26.42 -9.67 5.44
C VAL A 10 -25.73 -9.58 6.79
N VAL A 11 -24.98 -8.51 7.02
CA VAL A 11 -24.25 -8.28 8.26
C VAL A 11 -24.61 -6.88 8.77
N ARG A 12 -24.90 -6.76 10.05
CA ARG A 12 -25.03 -5.44 10.67
C ARG A 12 -23.65 -4.97 11.12
N VAL A 13 -23.26 -3.77 10.67
CA VAL A 13 -21.99 -3.16 11.05
C VAL A 13 -22.30 -1.94 11.92
N GLY A 14 -21.80 -1.95 13.17
CA GLY A 14 -21.91 -0.79 14.03
C GLY A 14 -20.67 0.09 13.92
N ILE A 15 -20.88 1.41 13.87
CA ILE A 15 -19.78 2.37 13.80
C ILE A 15 -19.90 3.29 15.00
N PRO A 16 -19.17 2.99 16.09
CA PRO A 16 -19.30 3.81 17.30
C PRO A 16 -19.01 5.30 17.07
N ASP A 17 -18.04 5.65 16.24
CA ASP A 17 -17.73 7.06 16.04
C ASP A 17 -18.81 7.81 15.28
N LEU A 18 -19.75 7.13 14.63
CA LEU A 18 -20.94 7.76 14.07
C LEU A 18 -22.19 7.54 14.91
N GLN A 19 -22.12 6.73 15.97
CA GLN A 19 -23.28 6.25 16.70
C GLN A 19 -24.39 5.78 15.74
N GLN A 20 -24.02 4.92 14.79
CA GLN A 20 -25.02 4.30 13.95
C GLN A 20 -24.60 2.90 13.55
N THR A 21 -25.53 2.19 12.91
CA THR A 21 -25.31 0.87 12.36
C THR A 21 -25.83 0.82 10.93
N LYS A 22 -25.22 -0.04 10.11
CA LYS A 22 -25.63 -0.26 8.72
C LYS A 22 -25.74 -1.75 8.46
N CYS A 23 -26.75 -2.13 7.70
CA CYS A 23 -26.91 -3.52 7.24
C CYS A 23 -26.44 -3.64 5.81
N LEU A 24 -25.46 -4.51 5.58
CA LEU A 24 -24.75 -4.66 4.33
C LEU A 24 -24.71 -6.13 3.97
N ARG A 25 -24.67 -6.41 2.67
CA ARG A 25 -24.41 -7.76 2.19
C ARG A 25 -22.91 -7.89 2.00
N LEU A 26 -22.29 -8.79 2.76
CA LEU A 26 -20.85 -9.03 2.65
C LEU A 26 -20.59 -10.49 2.28
N ASP A 27 -19.47 -10.71 1.62
CA ASP A 27 -19.19 -11.98 0.94
C ASP A 27 -18.27 -12.83 1.78
N PRO A 28 -18.73 -13.93 2.37
CA PRO A 28 -17.82 -14.78 3.16
C PRO A 28 -16.71 -15.40 2.33
N THR A 29 -16.98 -15.67 1.05
CA THR A 29 -15.99 -16.25 0.15
C THR A 29 -15.00 -15.24 -0.41
N ALA A 30 -15.16 -13.95 -0.08
CA ALA A 30 -14.25 -12.91 -0.53
C ALA A 30 -13.38 -12.45 0.62
N PRO A 31 -12.27 -11.78 0.33
CA PRO A 31 -11.38 -11.33 1.41
C PRO A 31 -11.98 -10.24 2.29
N VAL A 32 -11.56 -10.24 3.55
CA VAL A 32 -11.98 -9.23 4.51
C VAL A 32 -11.77 -7.82 3.97
N TRP A 33 -10.72 -7.61 3.17
CA TRP A 33 -10.50 -6.26 2.63
C TRP A 33 -11.59 -5.89 1.63
N ALA A 34 -12.18 -6.88 0.95
CA ALA A 34 -13.33 -6.60 0.10
C ALA A 34 -14.51 -6.11 0.94
N ALA A 35 -14.77 -6.74 2.08
CA ALA A 35 -15.84 -6.30 2.96
C ALA A 35 -15.61 -4.88 3.46
N LYS A 36 -14.34 -4.52 3.73
CA LYS A 36 -14.08 -3.16 4.22
C LYS A 36 -14.40 -2.13 3.15
N GLN A 37 -14.11 -2.44 1.89
CA GLN A 37 -14.42 -1.48 0.83
C GLN A 37 -15.92 -1.27 0.72
N ARG A 38 -16.71 -2.32 0.93
CA ARG A 38 -18.15 -2.17 0.90
C ARG A 38 -18.64 -1.28 2.04
N VAL A 39 -18.09 -1.44 3.24
CA VAL A 39 -18.47 -0.56 4.35
C VAL A 39 -18.15 0.89 4.02
N LEU A 40 -16.93 1.14 3.51
CA LEU A 40 -16.54 2.50 3.20
C LEU A 40 -17.49 3.14 2.19
N CYS A 41 -17.90 2.35 1.19
CA CYS A 41 -18.81 2.87 0.17
C CYS A 41 -20.15 3.25 0.77
N ALA A 42 -20.68 2.43 1.68
CA ALA A 42 -21.96 2.72 2.35
C ALA A 42 -21.88 3.93 3.27
N LEU A 43 -20.70 4.24 3.83
CA LEU A 43 -20.58 5.40 4.72
C LEU A 43 -20.43 6.71 3.95
N ASN A 44 -20.15 6.63 2.65
CA ASN A 44 -20.20 7.78 1.74
C ASN A 44 -19.47 8.99 2.29
N HIS A 45 -18.23 8.77 2.73
CA HIS A 45 -17.33 9.84 3.15
C HIS A 45 -17.78 10.53 4.43
N SER A 46 -18.41 9.81 5.35
CA SER A 46 -18.87 10.45 6.58
C SER A 46 -17.87 10.35 7.72
N LEU A 47 -16.71 9.72 7.51
CA LEU A 47 -15.74 9.50 8.58
C LEU A 47 -14.49 10.34 8.36
N GLN A 48 -13.91 10.86 9.43
CA GLN A 48 -12.60 11.49 9.24
C GLN A 48 -11.52 10.41 9.29
N ASP A 49 -10.48 10.59 8.48
CA ASP A 49 -9.36 9.65 8.43
C ASP A 49 -9.85 8.23 8.18
N ALA A 50 -10.65 8.06 7.13
CA ALA A 50 -11.44 6.84 6.98
C ALA A 50 -10.56 5.62 6.74
N LEU A 51 -9.38 5.78 6.14
CA LEU A 51 -8.56 4.62 5.83
C LEU A 51 -7.93 4.00 7.07
N ASN A 52 -8.00 4.65 8.24
CA ASN A 52 -7.48 4.07 9.48
C ASN A 52 -8.59 3.46 10.34
N TYR A 53 -9.75 3.17 9.76
CA TYR A 53 -10.78 2.33 10.40
C TYR A 53 -10.68 0.91 9.85
N GLY A 54 -11.00 -0.08 10.69
CA GLY A 54 -10.97 -1.47 10.27
C GLY A 54 -12.12 -2.23 10.90
N LEU A 55 -12.49 -3.33 10.23
CA LEU A 55 -13.52 -4.20 10.77
C LEU A 55 -13.02 -4.92 12.00
N PHE A 56 -13.87 -4.99 13.01
CA PHE A 56 -13.51 -5.47 14.34
C PHE A 56 -14.56 -6.46 14.82
N GLN A 57 -14.13 -7.63 15.31
CA GLN A 57 -15.07 -8.57 15.89
C GLN A 57 -15.25 -8.26 17.37
N PRO A 58 -16.42 -7.80 17.81
CA PRO A 58 -16.56 -7.38 19.19
C PRO A 58 -16.32 -8.53 20.13
N PRO A 59 -15.94 -8.26 21.37
CA PRO A 59 -15.82 -9.34 22.36
C PRO A 59 -17.18 -9.96 22.61
N SER A 60 -17.20 -11.28 22.82
CA SER A 60 -18.46 -11.97 23.13
C SER A 60 -18.15 -13.06 24.16
N ARG A 61 -18.40 -12.75 25.44
CA ARG A 61 -18.37 -13.72 26.53
C ARG A 61 -16.97 -14.22 26.85
N GLY A 62 -16.10 -13.32 27.29
CA GLY A 62 -14.72 -13.67 27.63
C GLY A 62 -13.74 -13.68 26.46
N ARG A 63 -14.17 -14.16 25.29
CA ARG A 63 -13.38 -14.00 24.08
C ARG A 63 -13.21 -12.51 23.78
N ALA A 64 -11.96 -12.07 23.70
CA ALA A 64 -11.67 -10.67 23.46
C ALA A 64 -11.94 -10.29 22.00
N GLY A 65 -12.18 -9.01 21.78
CA GLY A 65 -12.35 -8.54 20.42
C GLY A 65 -11.03 -8.36 19.70
N LYS A 66 -11.06 -8.51 18.38
CA LYS A 66 -9.87 -8.36 17.55
C LYS A 66 -10.25 -7.73 16.22
N PHE A 67 -9.29 -7.02 15.62
CA PHE A 67 -9.43 -6.59 14.24
C PHE A 67 -9.35 -7.80 13.32
N LEU A 68 -10.13 -7.76 12.25
CA LEU A 68 -10.11 -8.86 11.30
C LEU A 68 -8.87 -8.77 10.45
N ASP A 69 -8.24 -9.93 10.18
CA ASP A 69 -7.12 -10.00 9.26
C ASP A 69 -7.64 -9.73 7.86
N GLU A 70 -7.29 -8.55 7.31
CA GLU A 70 -7.84 -8.14 6.03
C GLU A 70 -7.51 -9.11 4.91
N GLU A 71 -6.31 -9.70 4.93
CA GLU A 71 -5.96 -10.61 3.85
C GLU A 71 -6.68 -11.94 3.97
N ARG A 72 -7.22 -12.27 5.15
CA ARG A 72 -7.91 -13.55 5.27
C ARG A 72 -9.29 -13.51 4.62
N LEU A 73 -9.92 -14.67 4.54
CA LEU A 73 -11.25 -14.79 3.97
C LEU A 73 -12.29 -14.59 5.07
N LEU A 74 -13.33 -13.83 4.76
CA LEU A 74 -14.28 -13.40 5.78
C LEU A 74 -14.96 -14.59 6.46
N GLN A 75 -15.13 -15.70 5.74
CA GLN A 75 -15.69 -16.89 6.37
C GLN A 75 -14.78 -17.50 7.41
N ASP A 76 -13.50 -17.08 7.49
CA ASP A 76 -12.63 -17.45 8.59
C ASP A 76 -13.10 -16.89 9.93
N TYR A 77 -14.25 -16.22 9.98
CA TYR A 77 -14.74 -15.56 11.18
C TYR A 77 -16.22 -15.91 11.36
N PRO A 78 -16.52 -17.00 12.07
CA PRO A 78 -17.91 -17.35 12.32
C PRO A 78 -18.56 -16.39 13.29
N PRO A 79 -19.85 -16.11 13.13
CA PRO A 79 -20.49 -15.02 13.90
C PRO A 79 -20.73 -15.29 15.39
N ASN A 80 -20.76 -16.56 15.84
CA ASN A 80 -20.81 -17.03 17.24
C ASN A 80 -22.24 -17.16 17.80
N LEU A 81 -22.53 -16.56 18.97
CA LEU A 81 -23.85 -16.63 19.58
C LEU A 81 -24.90 -15.96 18.70
N ASP A 82 -25.45 -16.71 17.76
CA ASP A 82 -26.04 -16.11 16.57
C ASP A 82 -27.36 -15.43 16.87
N THR A 83 -27.43 -14.26 16.49
CA THR A 83 -28.51 -13.34 16.12
C THR A 83 -28.83 -13.59 14.65
N PRO A 84 -30.09 -13.38 14.21
CA PRO A 84 -30.39 -13.50 12.76
C PRO A 84 -29.33 -12.88 11.88
N LEU A 85 -28.75 -11.76 12.35
CA LEU A 85 -27.67 -11.11 11.65
C LEU A 85 -26.38 -11.20 12.45
N PRO A 86 -25.30 -11.61 11.80
CA PRO A 86 -23.97 -11.38 12.39
C PRO A 86 -23.75 -9.89 12.62
N TYR A 87 -22.99 -9.57 13.66
CA TYR A 87 -22.69 -8.21 14.03
C TYR A 87 -21.19 -8.01 14.05
N LEU A 88 -20.70 -7.04 13.28
CA LEU A 88 -19.32 -6.57 13.31
C LEU A 88 -19.32 -5.07 13.65
N GLU A 89 -18.14 -4.55 13.97
CA GLU A 89 -18.00 -3.13 14.20
C GLU A 89 -16.87 -2.61 13.31
N PHE A 90 -16.89 -1.30 13.07
CA PHE A 90 -15.91 -0.61 12.25
C PHE A 90 -15.24 0.39 13.18
N ARG A 91 -14.01 0.11 13.59
CA ARG A 91 -13.37 0.86 14.67
C ARG A 91 -12.06 1.49 14.20
N TYR A 92 -11.74 2.67 14.75
CA TYR A 92 -10.43 3.26 14.51
C TYR A 92 -9.33 2.32 14.99
N LYS A 93 -8.24 2.24 14.22
CA LYS A 93 -7.14 1.30 14.45
C LYS A 93 -6.22 1.81 15.57
N ARG A 94 -6.76 1.77 16.78
CA ARG A 94 -6.02 2.04 18.01
C ARG A 94 -5.36 0.76 18.52
N ARG A 95 -4.46 0.93 19.50
CA ARG A 95 -3.81 -0.21 20.14
C ARG A 95 -4.86 -1.10 20.82
N VAL A 96 -4.67 -2.41 20.74
CA VAL A 96 -5.54 -3.39 21.38
C VAL A 96 -4.83 -3.84 22.66
N TYR A 97 -5.40 -3.49 23.81
CA TYR A 97 -4.78 -3.79 25.09
C TYR A 97 -5.24 -5.15 25.58
N ALA A 98 -4.30 -5.96 26.06
CA ALA A 98 -4.68 -7.25 26.66
C ALA A 98 -5.68 -7.04 27.79
N GLN A 99 -5.37 -6.13 28.71
CA GLN A 99 -6.19 -5.89 29.89
C GLN A 99 -6.30 -4.39 30.12
N ASN A 100 -7.20 -4.02 31.04
CA ASN A 100 -7.40 -2.62 31.43
C ASN A 100 -6.69 -2.40 32.76
N LEU A 101 -5.50 -1.82 32.71
CA LEU A 101 -4.67 -1.62 33.89
C LEU A 101 -4.44 -0.15 34.22
N ILE A 102 -5.02 0.76 33.46
CA ILE A 102 -4.64 2.17 33.46
C ILE A 102 -5.89 2.99 33.79
N ASP A 103 -5.80 3.81 34.83
CA ASP A 103 -6.86 4.77 35.14
C ASP A 103 -7.16 5.66 33.93
N ASP A 104 -8.42 6.08 33.82
CA ASP A 104 -8.80 6.98 32.73
C ASP A 104 -8.01 8.29 32.80
N LYS A 105 -7.76 8.78 34.03
CA LYS A 105 -6.97 9.99 34.17
C LYS A 105 -5.51 9.75 33.78
N GLN A 106 -4.93 8.62 34.20
CA GLN A 106 -3.55 8.31 33.85
C GLN A 106 -3.41 8.07 32.36
N PHE A 107 -4.37 7.35 31.76
CA PHE A 107 -4.36 7.13 30.32
C PHE A 107 -4.41 8.45 29.56
N ALA A 108 -5.21 9.41 30.03
CA ALA A 108 -5.25 10.71 29.38
C ALA A 108 -3.90 11.40 29.45
N LYS A 109 -3.19 11.23 30.58
CA LYS A 109 -1.90 11.92 30.73
C LYS A 109 -0.89 11.43 29.71
N LEU A 110 -0.93 10.13 29.38
CA LEU A 110 0.00 9.61 28.38
C LEU A 110 -0.20 10.26 27.03
N HIS A 111 -1.41 10.77 26.75
CA HIS A 111 -1.80 11.12 25.39
C HIS A 111 -2.10 12.61 25.22
N THR A 112 -1.60 13.46 26.11
CA THR A 112 -1.64 14.89 25.83
C THR A 112 -0.83 15.21 24.58
N LYS A 113 -1.09 16.39 24.02
CA LYS A 113 -0.36 16.88 22.86
C LYS A 113 1.14 16.93 23.15
N ALA A 114 1.51 17.48 24.31
CA ALA A 114 2.92 17.57 24.68
C ALA A 114 3.58 16.20 24.81
N ASN A 115 2.88 15.20 25.34
CA ASN A 115 3.52 13.90 25.52
CA ASN A 115 3.54 13.91 25.52
C ASN A 115 3.57 13.08 24.24
N LEU A 116 2.61 13.28 23.33
CA LEU A 116 2.72 12.65 22.02
C LEU A 116 3.85 13.28 21.19
N LYS A 117 4.09 14.58 21.35
CA LYS A 117 5.23 15.21 20.69
C LYS A 117 6.54 14.68 21.26
N LYS A 118 6.65 14.57 22.58
CA LYS A 118 7.83 13.98 23.18
C LYS A 118 8.09 12.57 22.65
N PHE A 119 7.02 11.76 22.52
CA PHE A 119 7.19 10.42 21.98
C PHE A 119 7.71 10.44 20.53
N MET A 120 7.16 11.33 19.67
CA MET A 120 7.67 11.45 18.30
C MET A 120 9.12 11.96 18.29
N ASP A 121 9.47 12.87 19.20
CA ASP A 121 10.85 13.34 19.27
C ASP A 121 11.79 12.19 19.63
N TYR A 122 11.37 11.29 20.54
CA TYR A 122 12.17 10.10 20.84
C TYR A 122 12.38 9.22 19.60
N VAL A 123 11.34 9.02 18.81
CA VAL A 123 11.49 8.25 17.57
C VAL A 123 12.48 8.94 16.63
N GLN A 124 12.28 10.24 16.38
CA GLN A 124 13.16 11.01 15.49
C GLN A 124 14.61 10.90 15.92
N LEU A 125 14.87 10.94 17.22
CA LEU A 125 16.23 10.90 17.77
C LEU A 125 16.73 9.47 17.99
N HIS A 126 15.96 8.46 17.59
CA HIS A 126 16.37 7.05 17.69
C HIS A 126 16.62 6.63 19.14
N SER A 127 15.80 7.11 20.08
CA SER A 127 15.96 6.77 21.50
C SER A 127 15.10 5.55 21.85
N THR A 128 15.56 4.40 21.37
CA THR A 128 14.74 3.18 21.37
C THR A 128 14.29 2.79 22.77
N ASP A 129 15.18 2.88 23.77
CA ASP A 129 14.81 2.46 25.12
C ASP A 129 13.73 3.34 25.72
N LYS A 130 13.79 4.65 25.46
CA LYS A 130 12.76 5.57 25.95
C LYS A 130 11.43 5.32 25.27
N VAL A 131 11.45 5.03 23.95
CA VAL A 131 10.24 4.60 23.26
C VAL A 131 9.65 3.38 23.97
N ALA A 132 10.48 2.36 24.20
CA ALA A 132 9.98 1.11 24.77
C ALA A 132 9.36 1.35 26.14
N ARG A 133 9.96 2.24 26.94
CA ARG A 133 9.45 2.45 28.29
C ARG A 133 8.10 3.16 28.26
N LEU A 134 7.89 4.08 27.33
CA LEU A 134 6.58 4.72 27.26
C LEU A 134 5.51 3.74 26.77
N LEU A 135 5.88 2.86 25.84
CA LEU A 135 4.96 1.83 25.37
C LEU A 135 4.56 0.90 26.51
N ASP A 136 5.53 0.53 27.36
CA ASP A 136 5.21 -0.35 28.50
C ASP A 136 4.28 0.33 29.49
N LYS A 137 4.36 1.66 29.62
CA LYS A 137 3.38 2.39 30.43
C LYS A 137 2.02 2.48 29.77
N GLY A 138 1.85 2.00 28.54
CA GLY A 138 0.56 1.99 27.88
C GLY A 138 0.32 3.03 26.78
N LEU A 139 1.34 3.77 26.36
CA LEU A 139 1.13 4.72 25.26
C LEU A 139 0.70 3.99 24.00
N ASP A 140 -0.32 4.54 23.32
CA ASP A 140 -0.82 4.01 22.06
C ASP A 140 -0.06 4.69 20.91
N PRO A 141 0.82 4.01 20.18
CA PRO A 141 1.58 4.66 19.09
C PRO A 141 0.83 4.79 17.76
N ASN A 142 -0.45 4.44 17.67
CA ASN A 142 -1.22 4.64 16.44
C ASN A 142 -1.86 6.04 16.47
N PHE A 143 -1.06 7.05 16.09
CA PHE A 143 -1.52 8.44 16.08
C PHE A 143 -0.68 9.24 15.07
N HIS A 144 -1.14 10.46 14.75
CA HIS A 144 -0.46 11.36 13.80
C HIS A 144 0.16 12.52 14.55
N ASP A 145 1.43 12.81 14.29
CA ASP A 145 1.96 14.11 14.67
C ASP A 145 1.09 15.20 14.03
N PRO A 146 0.63 16.20 14.78
CA PRO A 146 -0.26 17.21 14.18
C PRO A 146 0.42 18.10 13.15
N ASP A 147 1.75 18.29 13.19
CA ASP A 147 2.37 19.14 12.18
C ASP A 147 2.78 18.35 10.93
N SER A 148 3.45 17.20 11.09
CA SER A 148 3.98 16.48 9.92
C SER A 148 2.99 15.50 9.32
N GLY A 149 2.01 15.05 10.10
CA GLY A 149 1.14 13.96 9.65
C GLY A 149 1.72 12.55 9.72
N GLU A 150 3.01 12.42 10.05
CA GLU A 150 3.62 11.09 10.21
C GLU A 150 3.05 10.39 11.46
N CYS A 151 3.11 9.06 11.47
CA CYS A 151 2.91 8.30 12.69
C CYS A 151 4.26 7.78 13.15
N PRO A 152 4.37 7.29 14.41
CA PRO A 152 5.67 6.77 14.89
C PRO A 152 6.30 5.73 13.95
N LEU A 153 5.50 4.78 13.46
CA LEU A 153 6.05 3.71 12.64
C LEU A 153 6.55 4.24 11.28
N SER A 154 5.78 5.13 10.63
CA SER A 154 6.24 5.64 9.33
C SER A 154 7.46 6.55 9.47
N LEU A 155 7.58 7.30 10.58
CA LEU A 155 8.81 8.04 10.84
C LEU A 155 9.99 7.11 11.10
N ALA A 156 9.81 6.10 11.97
CA ALA A 156 10.88 5.14 12.23
C ALA A 156 11.38 4.49 10.94
N ALA A 157 10.46 4.21 10.00
CA ALA A 157 10.79 3.58 8.74
C ALA A 157 11.69 4.44 7.85
N GLN A 158 11.88 5.71 8.19
CA GLN A 158 12.76 6.57 7.41
C GLN A 158 14.11 6.76 8.06
N LEU A 159 14.40 6.09 9.17
CA LEU A 159 15.67 6.25 9.85
C LEU A 159 16.65 5.18 9.39
N ASP A 160 17.95 5.50 9.38
CA ASP A 160 18.98 4.47 9.20
C ASP A 160 18.99 3.48 10.37
N ASN A 161 19.27 2.21 10.08
CA ASN A 161 19.26 1.14 11.10
C ASN A 161 17.97 1.14 11.94
N ALA A 162 16.82 1.18 11.25
CA ALA A 162 15.52 1.33 11.91
C ALA A 162 15.04 0.07 12.62
N THR A 163 15.73 -1.07 12.43
CA THR A 163 15.14 -2.36 12.76
C THR A 163 14.75 -2.47 14.22
N ASP A 164 15.68 -2.15 15.13
CA ASP A 164 15.38 -2.22 16.56
C ASP A 164 14.15 -1.38 16.93
N LEU A 165 14.04 -0.18 16.37
CA LEU A 165 12.94 0.69 16.73
C LEU A 165 11.62 0.17 16.15
N LEU A 166 11.65 -0.33 14.92
CA LEU A 166 10.47 -0.90 14.30
C LEU A 166 9.92 -2.07 15.11
N LYS A 167 10.80 -2.96 15.57
CA LYS A 167 10.37 -4.10 16.37
C LYS A 167 9.73 -3.66 17.69
N VAL A 168 10.32 -2.67 18.36
CA VAL A 168 9.76 -2.20 19.63
C VAL A 168 8.38 -1.56 19.43
N LEU A 169 8.23 -0.72 18.39
CA LEU A 169 6.92 -0.15 18.08
C LEU A 169 5.88 -1.24 17.80
N ARG A 170 6.25 -2.25 16.99
CA ARG A 170 5.31 -3.35 16.70
C ARG A 170 4.95 -4.13 17.97
N ASN A 171 5.93 -4.45 18.82
CA ASN A 171 5.63 -5.17 20.06
C ASN A 171 4.78 -4.33 21.00
N GLY A 172 4.86 -3.00 20.91
CA GLY A 172 4.09 -2.10 21.73
C GLY A 172 2.75 -1.72 21.13
N GLY A 173 2.27 -2.47 20.15
CA GLY A 173 0.92 -2.30 19.65
C GLY A 173 0.71 -1.48 18.40
N ALA A 174 1.78 -1.10 17.69
CA ALA A 174 1.63 -0.38 16.43
C ALA A 174 1.08 -1.31 15.36
N HIS A 175 0.01 -0.88 14.68
CA HIS A 175 -0.48 -1.63 13.53
C HIS A 175 0.46 -1.42 12.33
N LEU A 176 0.82 -2.50 11.64
CA LEU A 176 1.76 -2.41 10.52
C LEU A 176 1.16 -1.66 9.32
N ASP A 177 -0.17 -1.62 9.20
CA ASP A 177 -0.79 -0.92 8.08
C ASP A 177 -1.39 0.43 8.48
N PHE A 178 -1.02 1.00 9.65
CA PHE A 178 -1.47 2.34 10.01
C PHE A 178 -0.95 3.35 8.99
N ARG A 179 -1.80 4.28 8.56
CA ARG A 179 -1.46 5.19 7.48
C ARG A 179 -1.25 6.59 8.02
N THR A 180 -0.32 7.31 7.39
CA THR A 180 -0.10 8.71 7.70
C THR A 180 -1.32 9.55 7.29
N ARG A 181 -1.29 10.84 7.66
CA ARG A 181 -2.37 11.75 7.28
C ARG A 181 -2.60 11.75 5.77
N ASP A 182 -1.53 11.74 4.97
CA ASP A 182 -1.67 11.65 3.51
C ASP A 182 -1.96 10.24 2.97
N GLY A 183 -2.12 9.21 3.80
CA GLY A 183 -2.54 7.90 3.32
C GLY A 183 -1.46 6.83 3.08
N LEU A 184 -0.21 7.10 3.45
CA LEU A 184 0.90 6.14 3.25
C LEU A 184 1.10 5.22 4.44
N THR A 185 1.37 3.94 4.18
CA THR A 185 1.82 3.08 5.28
C THR A 185 3.33 3.20 5.46
N ALA A 186 3.84 2.61 6.55
CA ALA A 186 5.28 2.55 6.77
C ALA A 186 5.99 1.77 5.66
N VAL A 187 5.33 0.79 5.03
CA VAL A 187 5.90 0.08 3.90
C VAL A 187 6.11 1.01 2.71
N HIS A 188 5.12 1.85 2.39
CA HIS A 188 5.33 2.90 1.39
C HIS A 188 6.51 3.81 1.76
N CYS A 189 6.57 4.26 3.03
CA CYS A 189 7.59 5.23 3.40
C CYS A 189 8.99 4.61 3.33
N ALA A 190 9.15 3.37 3.82
CA ALA A 190 10.45 2.72 3.68
C ALA A 190 10.84 2.59 2.20
N THR A 191 9.87 2.20 1.36
CA THR A 191 10.16 2.02 -0.06
C THR A 191 10.58 3.33 -0.72
N ARG A 192 9.82 4.42 -0.44
CA ARG A 192 10.11 5.73 -1.04
C ARG A 192 11.48 6.24 -0.65
N GLN A 193 11.93 5.96 0.57
CA GLN A 193 13.28 6.34 1.00
C GLN A 193 14.34 5.34 0.58
N ARG A 194 13.98 4.26 -0.11
CA ARG A 194 14.94 3.21 -0.49
CA ARG A 194 14.92 3.21 -0.48
C ARG A 194 15.67 2.70 0.75
N ASN A 195 14.92 2.55 1.84
CA ASN A 195 15.46 2.08 3.12
C ASN A 195 15.21 0.57 3.18
N ALA A 196 16.17 -0.20 2.62
CA ALA A 196 15.97 -1.64 2.45
C ALA A 196 15.96 -2.36 3.81
N GLY A 197 16.78 -1.92 4.76
CA GLY A 197 16.75 -2.53 6.09
C GLY A 197 15.39 -2.39 6.75
N ALA A 198 14.82 -1.19 6.71
CA ALA A 198 13.48 -0.94 7.27
C ALA A 198 12.41 -1.76 6.56
N LEU A 199 12.45 -1.77 5.22
CA LEU A 199 11.47 -2.53 4.45
C LEU A 199 11.55 -4.03 4.77
N THR A 200 12.76 -4.58 4.80
CA THR A 200 12.95 -5.99 5.11
C THR A 200 12.34 -6.32 6.47
N THR A 201 12.62 -5.49 7.49
CA THR A 201 12.06 -5.76 8.81
C THR A 201 10.54 -5.70 8.80
N LEU A 202 9.96 -4.71 8.11
CA LEU A 202 8.50 -4.59 8.07
C LEU A 202 7.88 -5.83 7.44
N LEU A 203 8.41 -6.29 6.31
CA LEU A 203 7.90 -7.50 5.68
C LEU A 203 8.16 -8.72 6.56
N ASP A 204 9.33 -8.81 7.18
CA ASP A 204 9.57 -9.94 8.09
C ASP A 204 8.63 -9.91 9.29
N LEU A 205 8.16 -8.73 9.70
CA LEU A 205 7.19 -8.70 10.80
C LEU A 205 5.79 -9.09 10.37
N GLY A 206 5.56 -9.33 9.07
CA GLY A 206 4.27 -9.74 8.57
C GLY A 206 3.50 -8.66 7.81
N ALA A 207 4.09 -7.48 7.58
CA ALA A 207 3.40 -6.48 6.77
C ALA A 207 3.18 -7.01 5.36
N SER A 208 2.01 -6.71 4.79
CA SER A 208 1.76 -7.07 3.40
C SER A 208 2.50 -6.11 2.48
N PRO A 209 3.09 -6.63 1.40
CA PRO A 209 3.67 -5.74 0.37
C PRO A 209 2.63 -4.98 -0.44
N ASP A 210 1.33 -5.32 -0.32
CA ASP A 210 0.32 -4.82 -1.26
C ASP A 210 -0.52 -3.66 -0.72
N TYR A 211 -0.17 -3.08 0.43
CA TYR A 211 -0.99 -2.01 1.00
C TYR A 211 -1.23 -0.90 -0.02
N LYS A 212 -2.46 -0.40 -0.06
CA LYS A 212 -2.77 0.72 -0.94
C LYS A 212 -2.72 2.03 -0.17
N ASP A 213 -2.32 3.10 -0.88
CA ASP A 213 -2.41 4.45 -0.36
C ASP A 213 -3.79 5.02 -0.70
N SER A 214 -3.99 6.32 -0.46
CA SER A 214 -5.32 6.87 -0.67
C SER A 214 -5.69 6.98 -2.15
N ARG A 215 -4.75 6.77 -3.09
CA ARG A 215 -5.08 6.74 -4.50
C ARG A 215 -5.02 5.33 -5.07
N GLY A 216 -5.02 4.30 -4.22
CA GLY A 216 -4.95 2.94 -4.73
C GLY A 216 -3.55 2.46 -5.11
N LEU A 217 -2.50 3.21 -4.82
CA LEU A 217 -1.16 2.84 -5.28
C LEU A 217 -0.38 2.08 -4.21
N THR A 218 0.39 1.08 -4.67
CA THR A 218 1.15 0.19 -3.81
C THR A 218 2.55 0.73 -3.59
N PRO A 219 3.27 0.17 -2.60
CA PRO A 219 4.70 0.48 -2.48
C PRO A 219 5.47 0.19 -3.77
N LEU A 220 5.15 -0.92 -4.45
CA LEU A 220 5.82 -1.21 -5.71
C LEU A 220 5.58 -0.11 -6.74
N TYR A 221 4.34 0.39 -6.83
CA TYR A 221 4.06 1.52 -7.74
C TYR A 221 4.93 2.73 -7.38
N HIS A 222 5.00 3.07 -6.08
CA HIS A 222 5.86 4.18 -5.66
C HIS A 222 7.32 3.95 -6.06
N SER A 223 7.78 2.71 -5.96
CA SER A 223 9.18 2.45 -6.29
CA SER A 223 9.17 2.40 -6.30
C SER A 223 9.44 2.71 -7.78
N ALA A 224 8.50 2.36 -8.66
CA ALA A 224 8.67 2.64 -10.08
C ALA A 224 8.64 4.13 -10.39
N LEU A 225 7.90 4.92 -9.60
CA LEU A 225 7.93 6.37 -9.81
C LEU A 225 9.26 6.97 -9.36
N GLY A 226 9.84 6.42 -8.29
CA GLY A 226 10.98 7.06 -7.64
C GLY A 226 12.34 6.65 -8.18
N GLY A 227 12.43 5.48 -8.82
CA GLY A 227 13.72 4.99 -9.31
C GLY A 227 14.77 4.94 -8.20
N GLY A 228 16.02 5.26 -8.58
CA GLY A 228 17.16 5.05 -7.67
C GLY A 228 17.54 3.56 -7.56
N ASP A 229 18.27 3.26 -6.48
CA ASP A 229 18.61 1.88 -6.14
C ASP A 229 17.37 0.99 -6.16
N ALA A 230 17.40 -0.07 -6.98
CA ALA A 230 16.21 -0.91 -7.21
C ALA A 230 16.05 -2.05 -6.21
N LEU A 231 16.86 -2.08 -5.14
CA LEU A 231 16.76 -3.18 -4.17
C LEU A 231 15.35 -3.27 -3.56
N CYS A 232 14.76 -2.14 -3.16
CA CYS A 232 13.44 -2.20 -2.51
C CYS A 232 12.39 -2.77 -3.46
N CYS A 233 12.43 -2.36 -4.72
CA CYS A 233 11.56 -2.93 -5.75
C CYS A 233 11.69 -4.45 -5.81
N GLU A 234 12.92 -4.95 -5.78
CA GLU A 234 13.19 -6.38 -5.81
C GLU A 234 12.69 -7.07 -4.55
N LEU A 235 12.95 -6.45 -3.38
CA LEU A 235 12.43 -6.98 -2.12
C LEU A 235 10.91 -7.17 -2.17
N LEU A 236 10.19 -6.19 -2.69
CA LEU A 236 8.73 -6.32 -2.77
C LEU A 236 8.32 -7.48 -3.69
N LEU A 237 8.90 -7.50 -4.90
CA LEU A 237 8.55 -8.53 -5.89
C LEU A 237 8.87 -9.93 -5.38
N HIS A 238 10.02 -10.06 -4.72
CA HIS A 238 10.43 -11.34 -4.14
C HIS A 238 9.51 -11.78 -3.00
N ASP A 239 8.89 -10.82 -2.30
CA ASP A 239 7.86 -11.12 -1.31
C ASP A 239 6.46 -11.22 -1.94
N HIS A 240 6.38 -11.46 -3.25
CA HIS A 240 5.14 -11.74 -3.98
C HIS A 240 4.24 -10.53 -4.14
N ALA A 241 4.81 -9.32 -4.14
CA ALA A 241 4.02 -8.13 -4.43
C ALA A 241 3.27 -8.30 -5.75
N GLN A 242 2.02 -7.85 -5.80
CA GLN A 242 1.25 -7.89 -7.03
C GLN A 242 1.65 -6.74 -7.94
N LEU A 243 1.66 -7.01 -9.25
CA LEU A 243 1.96 -6.05 -10.30
C LEU A 243 0.68 -5.73 -11.07
N GLY A 244 0.76 -4.72 -11.93
CA GLY A 244 -0.41 -4.33 -12.71
C GLY A 244 -1.32 -3.32 -12.03
N THR A 245 -0.91 -2.75 -10.90
CA THR A 245 -1.67 -1.66 -10.30
C THR A 245 -1.69 -0.48 -11.25
N THR A 246 -2.84 0.17 -11.40
CA THR A 246 -2.97 1.33 -12.27
C THR A 246 -3.34 2.58 -11.47
N ASP A 247 -2.94 3.73 -11.99
CA ASP A 247 -3.41 5.00 -11.46
C ASP A 247 -4.70 5.41 -12.18
N GLU A 248 -5.16 6.65 -11.96
CA GLU A 248 -6.45 7.10 -12.49
C GLU A 248 -6.47 7.11 -14.00
N ASN A 249 -5.30 7.18 -14.64
CA ASN A 249 -5.21 7.21 -16.09
C ASN A 249 -4.78 5.86 -16.68
N GLY A 250 -4.91 4.76 -15.92
CA GLY A 250 -4.54 3.48 -16.47
C GLY A 250 -3.04 3.23 -16.65
N TRP A 251 -2.18 4.11 -16.14
CA TRP A 251 -0.73 3.84 -16.17
C TRP A 251 -0.37 2.80 -15.12
N GLN A 252 0.28 1.71 -15.54
CA GLN A 252 0.82 0.69 -14.63
C GLN A 252 2.26 1.01 -14.26
N GLU A 253 2.89 0.09 -13.51
CA GLU A 253 4.24 0.34 -13.02
C GLU A 253 5.23 0.50 -14.17
N ILE A 254 5.14 -0.33 -15.23
CA ILE A 254 6.11 -0.20 -16.32
C ILE A 254 5.89 1.08 -17.12
N HIS A 255 4.65 1.59 -17.21
CA HIS A 255 4.46 2.91 -17.84
C HIS A 255 5.26 3.98 -17.11
N GLN A 256 5.19 3.98 -15.77
CA GLN A 256 5.91 4.99 -14.98
C GLN A 256 7.41 4.81 -15.09
N ALA A 257 7.89 3.56 -14.97
CA ALA A 257 9.33 3.31 -15.06
C ALA A 257 9.86 3.83 -16.38
N CYS A 258 9.09 3.65 -17.47
CA CYS A 258 9.55 4.07 -18.78
C CYS A 258 9.50 5.59 -18.93
N ARG A 259 8.51 6.26 -18.29
CA ARG A 259 8.50 7.72 -18.35
C ARG A 259 9.80 8.32 -17.78
N PHE A 260 10.25 7.81 -16.65
CA PHE A 260 11.41 8.37 -15.99
C PHE A 260 12.73 7.65 -16.31
N GLY A 261 12.73 6.64 -17.18
CA GLY A 261 13.99 5.99 -17.51
C GLY A 261 14.55 5.10 -16.41
N HIS A 262 13.68 4.50 -15.60
CA HIS A 262 14.14 3.64 -14.50
C HIS A 262 14.30 2.23 -15.04
N VAL A 263 15.43 2.00 -15.72
CA VAL A 263 15.58 0.80 -16.54
C VAL A 263 15.74 -0.45 -15.67
N GLN A 264 16.43 -0.36 -14.52
CA GLN A 264 16.52 -1.51 -13.61
C GLN A 264 15.16 -1.88 -12.99
N HIS A 265 14.32 -0.89 -12.65
CA HIS A 265 12.96 -1.18 -12.21
C HIS A 265 12.16 -1.89 -13.31
N LEU A 266 12.17 -1.33 -14.52
CA LEU A 266 11.51 -2.00 -15.65
C LEU A 266 11.94 -3.45 -15.77
N GLU A 267 13.24 -3.72 -15.75
CA GLU A 267 13.71 -5.10 -15.94
C GLU A 267 13.19 -6.04 -14.85
N HIS A 268 13.21 -5.59 -13.57
CA HIS A 268 12.62 -6.41 -12.52
C HIS A 268 11.13 -6.65 -12.79
N LEU A 269 10.40 -5.62 -13.19
CA LEU A 269 8.96 -5.77 -13.39
C LEU A 269 8.66 -6.76 -14.52
N LEU A 270 9.43 -6.68 -15.63
CA LEU A 270 9.25 -7.63 -16.73
C LEU A 270 9.58 -9.05 -16.32
N PHE A 271 10.70 -9.23 -15.62
CA PHE A 271 11.09 -10.56 -15.15
C PHE A 271 10.00 -11.18 -14.29
N TYR A 272 9.32 -10.37 -13.47
CA TYR A 272 8.27 -10.91 -12.65
C TYR A 272 6.91 -10.94 -13.36
N GLY A 273 6.86 -10.71 -14.68
CA GLY A 273 5.64 -10.98 -15.43
C GLY A 273 4.77 -9.79 -15.84
N ALA A 274 5.27 -8.56 -15.77
CA ALA A 274 4.44 -7.44 -16.20
C ALA A 274 4.06 -7.59 -17.69
N ASN A 275 2.83 -7.16 -18.04
CA ASN A 275 2.33 -7.32 -19.41
C ASN A 275 2.82 -6.16 -20.26
N MET A 276 3.73 -6.45 -21.22
CA MET A 276 4.26 -5.39 -22.07
C MET A 276 3.20 -4.74 -22.98
N GLY A 277 2.10 -5.45 -23.27
CA GLY A 277 1.09 -4.86 -24.11
C GLY A 277 0.04 -4.04 -23.40
N ALA A 278 0.18 -3.80 -22.09
CA ALA A 278 -0.85 -3.10 -21.34
C ALA A 278 -0.96 -1.67 -21.85
N GLN A 279 -2.20 -1.22 -22.07
CA GLN A 279 -2.48 0.10 -22.62
C GLN A 279 -3.15 0.96 -21.57
N ASN A 280 -2.69 2.20 -21.42
CA ASN A 280 -3.35 3.13 -20.49
C ASN A 280 -4.54 3.79 -21.16
N ALA A 281 -5.10 4.84 -20.52
CA ALA A 281 -6.37 5.43 -21.00
C ALA A 281 -6.23 6.09 -22.37
N SER A 282 -5.03 6.52 -22.75
CA SER A 282 -4.83 7.04 -24.10
C SER A 282 -4.47 5.95 -25.09
N GLY A 283 -4.45 4.68 -24.65
CA GLY A 283 -4.07 3.60 -25.53
C GLY A 283 -2.58 3.37 -25.65
N ASN A 284 -1.76 4.04 -24.85
CA ASN A 284 -0.31 3.93 -24.99
C ASN A 284 0.24 2.70 -24.24
N THR A 285 1.13 1.96 -24.90
CA THR A 285 1.91 0.94 -24.20
C THR A 285 3.13 1.60 -23.56
N ALA A 286 3.86 0.83 -22.74
CA ALA A 286 5.13 1.30 -22.22
C ALA A 286 6.09 1.71 -23.34
N LEU A 287 6.07 1.01 -24.49
CA LEU A 287 6.93 1.44 -25.61
C LEU A 287 6.55 2.84 -26.10
N HIS A 288 5.23 3.14 -26.21
CA HIS A 288 4.79 4.49 -26.57
C HIS A 288 5.32 5.53 -25.60
N ILE A 289 5.29 5.21 -24.30
CA ILE A 289 5.80 6.11 -23.29
C ILE A 289 7.30 6.34 -23.47
N CYS A 290 8.08 5.28 -23.73
CA CYS A 290 9.51 5.48 -24.03
C CYS A 290 9.70 6.47 -25.19
N ALA A 291 8.94 6.26 -26.26
CA ALA A 291 9.06 7.11 -27.44
C ALA A 291 8.74 8.56 -27.12
N LEU A 292 7.76 8.77 -26.24
CA LEU A 292 7.32 10.13 -25.93
C LEU A 292 8.34 10.85 -25.07
N TYR A 293 8.96 10.15 -24.12
CA TYR A 293 9.88 10.79 -23.18
C TYR A 293 11.34 10.58 -23.55
N ASN A 294 11.63 10.06 -24.77
CA ASN A 294 13.00 9.84 -25.25
C ASN A 294 13.80 8.92 -24.30
N GLN A 295 13.22 7.77 -23.95
CA GLN A 295 13.87 6.86 -22.98
C GLN A 295 14.37 5.63 -23.73
N GLU A 296 15.59 5.75 -24.27
CA GLU A 296 16.08 4.82 -25.28
C GLU A 296 16.44 3.46 -24.69
N SER A 297 17.10 3.42 -23.55
CA SER A 297 17.50 2.11 -23.03
C SER A 297 16.28 1.31 -22.54
N CYS A 298 15.29 2.00 -21.95
CA CYS A 298 14.02 1.36 -21.66
C CYS A 298 13.37 0.78 -22.93
N ALA A 299 13.40 1.53 -24.04
CA ALA A 299 12.85 1.02 -25.29
C ALA A 299 13.60 -0.24 -25.74
N ARG A 300 14.95 -0.22 -25.65
CA ARG A 300 15.74 -1.39 -26.05
C ARG A 300 15.37 -2.64 -25.25
N VAL A 301 15.19 -2.50 -23.93
CA VAL A 301 14.79 -3.63 -23.07
C VAL A 301 13.43 -4.19 -23.53
N LEU A 302 12.43 -3.31 -23.71
CA LEU A 302 11.11 -3.76 -24.18
C LEU A 302 11.20 -4.48 -25.53
N LEU A 303 11.94 -3.90 -26.48
CA LEU A 303 12.06 -4.55 -27.79
C LEU A 303 12.79 -5.90 -27.69
N PHE A 304 13.89 -5.94 -26.92
CA PHE A 304 14.64 -7.20 -26.72
C PHE A 304 13.78 -8.31 -26.10
N ARG A 305 12.83 -7.97 -25.24
CA ARG A 305 11.99 -8.97 -24.58
C ARG A 305 10.73 -9.30 -25.37
N GLY A 306 10.55 -8.71 -26.55
CA GLY A 306 9.48 -9.06 -27.45
C GLY A 306 8.28 -8.13 -27.48
N ALA A 307 8.40 -6.89 -26.99
CA ALA A 307 7.24 -5.98 -27.07
C ALA A 307 6.80 -5.78 -28.53
N ASN A 308 5.49 -5.72 -28.74
CA ASN A 308 4.93 -5.55 -30.08
C ASN A 308 5.02 -4.06 -30.47
N LYS A 309 5.72 -3.73 -31.55
CA LYS A 309 5.88 -2.33 -31.89
C LYS A 309 4.82 -1.81 -32.88
N ASP A 310 3.84 -2.63 -33.27
CA ASP A 310 2.79 -2.22 -34.18
C ASP A 310 1.54 -1.74 -33.47
N VAL A 311 1.47 -1.85 -32.14
CA VAL A 311 0.29 -1.39 -31.41
C VAL A 311 0.06 0.10 -31.68
N ARG A 312 -1.17 0.45 -32.04
CA ARG A 312 -1.58 1.84 -32.19
C ARG A 312 -2.30 2.32 -30.93
N ASN A 313 -2.01 3.57 -30.50
CA ASN A 313 -2.77 4.17 -29.40
C ASN A 313 -4.10 4.71 -29.96
N TYR A 314 -4.88 5.38 -29.12
CA TYR A 314 -6.21 5.78 -29.57
C TYR A 314 -6.19 7.01 -30.49
N ASN A 315 -5.02 7.64 -30.68
CA ASN A 315 -4.79 8.60 -31.76
C ASN A 315 -4.34 7.92 -33.04
N SER A 316 -4.37 6.59 -33.09
CA SER A 316 -3.91 5.80 -34.24
C SER A 316 -2.41 5.86 -34.47
N GLN A 317 -1.61 6.09 -33.43
CA GLN A 317 -0.15 6.24 -33.55
C GLN A 317 0.59 5.01 -33.05
N THR A 318 1.56 4.54 -33.83
CA THR A 318 2.50 3.58 -33.26
C THR A 318 3.56 4.30 -32.41
N ALA A 319 4.36 3.51 -31.68
CA ALA A 319 5.46 4.10 -30.91
C ALA A 319 6.44 4.85 -31.82
N PHE A 320 6.76 4.28 -32.98
CA PHE A 320 7.57 4.98 -33.97
C PHE A 320 7.00 6.37 -34.27
N GLN A 321 5.71 6.44 -34.62
CA GLN A 321 5.11 7.74 -34.97
C GLN A 321 5.14 8.72 -33.81
N VAL A 322 4.93 8.23 -32.59
CA VAL A 322 5.03 9.08 -31.40
C VAL A 322 6.44 9.67 -31.26
N ALA A 323 7.47 8.83 -31.47
CA ALA A 323 8.85 9.31 -31.42
C ALA A 323 9.10 10.41 -32.45
N ILE A 324 8.67 10.18 -33.69
CA ILE A 324 8.88 11.16 -34.76
C ILE A 324 8.24 12.49 -34.42
N ILE A 325 7.03 12.46 -33.86
CA ILE A 325 6.29 13.67 -33.50
C ILE A 325 6.96 14.40 -32.34
N ALA A 326 7.51 13.65 -31.39
CA ALA A 326 8.24 14.28 -30.30
C ALA A 326 9.63 14.79 -30.70
N GLY A 327 10.06 14.59 -31.94
CA GLY A 327 11.41 14.92 -32.35
C GLY A 327 12.48 13.98 -31.83
N ASN A 328 12.13 12.73 -31.51
CA ASN A 328 13.07 11.79 -30.90
C ASN A 328 13.56 10.83 -31.97
N PHE A 329 14.38 11.37 -32.88
CA PHE A 329 14.72 10.67 -34.12
C PHE A 329 15.65 9.49 -33.90
N GLU A 330 16.63 9.62 -33.00
CA GLU A 330 17.47 8.48 -32.64
C GLU A 330 16.63 7.34 -32.10
N LEU A 331 15.74 7.63 -31.16
CA LEU A 331 14.87 6.58 -30.63
C LEU A 331 13.97 6.01 -31.72
N ALA A 332 13.48 6.86 -32.63
CA ALA A 332 12.63 6.36 -33.72
C ALA A 332 13.40 5.36 -34.57
N GLU A 333 14.67 5.66 -34.87
CA GLU A 333 15.47 4.73 -35.67
C GLU A 333 15.67 3.40 -34.93
N VAL A 334 15.89 3.45 -33.62
CA VAL A 334 15.98 2.21 -32.84
C VAL A 334 14.73 1.35 -33.03
N ILE A 335 13.55 1.96 -32.90
CA ILE A 335 12.32 1.17 -33.05
C ILE A 335 12.19 0.65 -34.46
N LYS A 336 12.46 1.49 -35.46
CA LYS A 336 12.20 1.12 -36.85
C LYS A 336 13.11 -0.02 -37.32
N THR A 337 14.38 0.01 -36.93
CA THR A 337 15.29 -1.01 -37.42
C THR A 337 15.28 -2.30 -36.60
N HIS A 338 14.64 -2.33 -35.43
CA HIS A 338 14.63 -3.55 -34.62
C HIS A 338 13.94 -4.70 -35.37
N LYS A 339 14.65 -5.82 -35.52
CA LYS A 339 14.09 -7.00 -36.16
C LYS A 339 13.31 -7.84 -35.15
N ASP A 340 12.12 -8.31 -35.57
CA ASP A 340 11.26 -9.10 -34.71
C ASP A 340 11.92 -10.39 -34.24
N SER A 341 12.92 -10.89 -34.96
CA SER A 341 13.65 -12.08 -34.57
C SER A 341 14.74 -11.79 -33.55
N ASP A 342 15.00 -10.51 -33.27
CA ASP A 342 16.11 -10.11 -32.41
C ASP A 342 15.62 -9.96 -30.97
N VAL A 343 15.23 -11.10 -30.38
CA VAL A 343 14.49 -11.11 -29.11
C VAL A 343 14.91 -12.32 -28.29
N VAL A 344 14.85 -12.17 -26.96
CA VAL A 344 14.99 -13.28 -26.02
C VAL A 344 13.89 -13.09 -25.00
N PRO A 345 12.67 -13.59 -25.26
CA PRO A 345 11.56 -13.34 -24.34
C PRO A 345 11.67 -14.22 -23.11
N PHE A 346 10.99 -13.80 -22.04
CA PHE A 346 11.05 -14.60 -20.81
C PHE A 346 10.21 -15.87 -20.93
N ARG A 347 9.04 -15.75 -21.54
CA ARG A 347 8.08 -16.86 -21.58
C ARG A 347 7.55 -17.08 -23.00
#